data_1LAT
#
_entry.id   1LAT
#
_cell.length_a   38.720
_cell.length_b   76.070
_cell.length_c   118.880
_cell.angle_alpha   90.00
_cell.angle_beta   90.00
_cell.angle_gamma   90.00
#
_symmetry.space_group_name_H-M   'P 21 21 21'
#
loop_
_entity.id
_entity.type
_entity.pdbx_description
1 polymer "DNA (5'-D(*TP*TP*CP*CP*AP*GP*AP*AP*CP*AP*TP*GP*TP*TP*CP*TP*G P*GP*A)-3')"
2 polymer 'GLUCOCORTICOID RECEPTOR'
3 non-polymer 'ZINC ION'
4 water water
#
loop_
_entity_poly.entity_id
_entity_poly.type
_entity_poly.pdbx_seq_one_letter_code
_entity_poly.pdbx_strand_id
1 'polydeoxyribonucleotide' (DT)(DT)(DC)(DC)(DA)(DG)(DA)(DA)(DC)(DA)(DT)(DG)(DT)(DT)(DC)(DT)(DG)(DG)(DA) C,D
2 'polypeptide(L)'
;MKPARPCLVCSDEASGCHYGVLTCEGCKAFFKRAVEGQHNYLCKYEGKCIIDKIRRKNCPACRYRKCLQAGMNLEARKTK
KK
;
A,B
#
# COMPACT_ATOMS: atom_id res chain seq x y z
N ARG C 5 8.22 -8.97 -18.97
CA ARG C 5 8.76 -9.01 -17.59
C ARG C 5 8.73 -7.68 -16.84
N PRO C 6 9.28 -6.60 -17.41
CA PRO C 6 9.22 -5.37 -16.63
C PRO C 6 8.09 -4.43 -17.05
N CYS C 7 7.52 -3.72 -16.07
CA CYS C 7 6.46 -2.75 -16.28
C CYS C 7 7.11 -1.59 -17.03
N LEU C 8 6.57 -1.17 -18.17
CA LEU C 8 7.18 -0.09 -18.93
C LEU C 8 7.13 1.26 -18.21
N VAL C 9 6.22 1.39 -17.23
CA VAL C 9 6.07 2.65 -16.49
C VAL C 9 6.98 2.82 -15.23
N CYS C 10 7.20 1.75 -14.46
CA CYS C 10 7.98 1.85 -13.22
C CYS C 10 9.00 0.74 -13.01
N SER C 11 9.17 -0.11 -14.02
CA SER C 11 10.12 -1.21 -13.92
C SER C 11 9.84 -2.27 -12.86
N ASP C 12 8.69 -2.21 -12.22
CA ASP C 12 8.30 -3.23 -11.25
C ASP C 12 7.99 -4.45 -12.15
N GLU C 13 7.62 -5.60 -11.58
CA GLU C 13 7.30 -6.77 -12.40
C GLU C 13 5.95 -6.60 -13.08
N ALA C 14 5.95 -6.84 -14.38
CA ALA C 14 4.72 -6.74 -15.18
C ALA C 14 3.89 -7.99 -14.97
N SER C 15 2.58 -7.83 -14.95
CA SER C 15 1.73 -8.99 -14.80
C SER C 15 1.17 -9.30 -16.17
N GLY C 16 1.22 -8.34 -17.08
CA GLY C 16 0.70 -8.57 -18.41
C GLY C 16 0.41 -7.29 -19.17
N CYS C 17 -0.24 -7.45 -20.32
CA CYS C 17 -0.60 -6.31 -21.15
C CYS C 17 -1.86 -5.65 -20.64
N HIS C 18 -1.73 -4.46 -20.07
CA HIS C 18 -2.87 -3.76 -19.58
C HIS C 18 -3.02 -2.44 -20.29
N TYR C 19 -4.20 -2.21 -20.85
CA TYR C 19 -4.43 -0.97 -21.54
C TYR C 19 -3.41 -0.70 -22.66
N GLY C 20 -2.99 -1.79 -23.32
CA GLY C 20 -2.06 -1.67 -24.41
C GLY C 20 -0.59 -1.74 -24.06
N VAL C 21 -0.28 -1.64 -22.77
CA VAL C 21 1.10 -1.66 -22.32
C VAL C 21 1.36 -2.77 -21.30
N LEU C 22 2.61 -3.21 -21.25
CA LEU C 22 3.07 -4.23 -20.32
C LEU C 22 3.30 -3.48 -18.98
N THR C 23 2.46 -3.75 -17.98
CA THR C 23 2.59 -3.07 -16.68
C THR C 23 2.33 -3.97 -15.48
N CYS C 24 2.59 -3.42 -14.30
CA CYS C 24 2.32 -4.10 -13.06
C CYS C 24 0.87 -3.74 -12.71
N GLU C 25 0.36 -4.37 -11.67
CA GLU C 25 -1.00 -4.14 -11.25
C GLU C 25 -1.22 -2.74 -10.72
N GLY C 26 -0.24 -2.21 -10.00
CA GLY C 26 -0.35 -0.87 -9.43
C GLY C 26 -0.56 0.16 -10.52
N CYS C 27 0.31 0.12 -11.54
CA CYS C 27 0.19 1.07 -12.64
C CYS C 27 -1.12 0.85 -13.40
N LYS C 28 -1.57 -0.41 -13.51
CA LYS C 28 -2.83 -0.67 -14.19
C LYS C 28 -3.93 0.05 -13.43
N ALA C 29 -3.99 -0.16 -12.11
CA ALA C 29 -5.00 0.47 -11.26
C ALA C 29 -4.88 2.01 -11.20
N PHE C 30 -3.65 2.52 -11.12
CA PHE C 30 -3.41 3.95 -11.07
C PHE C 30 -3.87 4.63 -12.34
N PHE C 31 -3.49 4.06 -13.50
CA PHE C 31 -3.86 4.63 -14.79
C PHE C 31 -5.38 4.82 -14.94
N LYS C 32 -6.16 3.75 -14.75
CA LYS C 32 -7.62 3.81 -14.87
C LYS C 32 -8.18 4.90 -13.97
N ARG C 33 -7.70 4.97 -12.73
CA ARG C 33 -8.16 6.00 -11.80
C ARG C 33 -7.74 7.38 -12.30
N ALA C 34 -6.56 7.47 -12.89
CA ALA C 34 -6.06 8.73 -13.42
C ALA C 34 -6.98 9.27 -14.54
N VAL C 35 -7.33 8.43 -15.51
CA VAL C 35 -8.19 8.87 -16.60
C VAL C 35 -9.66 9.05 -16.21
N GLU C 36 -10.16 8.27 -15.26
CA GLU C 36 -11.55 8.40 -14.82
C GLU C 36 -11.82 9.58 -13.90
N GLY C 37 -11.38 9.47 -12.66
CA GLY C 37 -11.58 10.56 -11.72
C GLY C 37 -10.37 11.42 -11.93
N GLN C 38 -9.33 11.13 -11.14
CA GLN C 38 -8.05 11.84 -11.18
C GLN C 38 -7.28 11.61 -9.86
N HIS C 39 -6.85 12.73 -9.26
CA HIS C 39 -6.05 12.83 -8.03
C HIS C 39 -5.15 14.01 -8.47
N ASN C 40 -4.89 14.98 -7.59
CA ASN C 40 -4.04 16.13 -7.95
C ASN C 40 -2.96 15.76 -8.97
N TYR C 41 -2.99 16.38 -10.16
CA TYR C 41 -1.97 16.09 -11.16
C TYR C 41 -1.42 17.35 -11.81
N LEU C 42 -0.30 17.80 -11.24
CA LEU C 42 0.43 18.97 -11.67
C LEU C 42 1.64 18.79 -10.80
N CYS C 43 2.79 18.51 -11.43
CA CYS C 43 4.04 18.25 -10.72
C CYS C 43 4.69 19.49 -10.12
N LYS C 44 5.45 19.29 -9.04
CA LYS C 44 6.16 20.37 -8.37
C LYS C 44 7.59 20.38 -8.86
N TYR C 45 8.32 19.32 -8.49
CA TYR C 45 9.70 19.14 -8.90
C TYR C 45 9.78 19.39 -10.42
N GLU C 46 8.69 19.07 -11.10
CA GLU C 46 8.51 19.26 -12.54
C GLU C 46 9.09 18.22 -13.46
N GLY C 47 8.14 17.51 -14.06
CA GLY C 47 8.38 16.46 -15.02
C GLY C 47 9.69 15.74 -15.16
N LYS C 48 10.44 15.58 -14.09
CA LYS C 48 11.71 14.88 -14.18
C LYS C 48 11.80 13.89 -13.02
N CYS C 49 10.66 13.58 -12.43
CA CYS C 49 10.64 12.67 -11.30
C CYS C 49 10.93 11.23 -11.68
N ILE C 50 11.79 10.59 -10.91
CA ILE C 50 12.12 9.19 -11.17
C ILE C 50 10.98 8.32 -10.68
N ILE C 51 10.32 7.66 -11.63
CA ILE C 51 9.24 6.77 -11.31
C ILE C 51 9.77 5.34 -11.36
N ASP C 52 9.94 4.76 -10.19
CA ASP C 52 10.35 3.37 -10.10
C ASP C 52 9.48 2.77 -9.01
N LYS C 53 9.60 1.46 -8.79
CA LYS C 53 8.80 0.75 -7.79
C LYS C 53 8.82 1.37 -6.39
N ILE C 54 9.90 2.06 -6.06
CA ILE C 54 10.04 2.67 -4.75
C ILE C 54 9.62 4.15 -4.65
N ARG C 55 9.75 4.91 -5.74
CA ARG C 55 9.38 6.32 -5.71
C ARG C 55 8.18 6.65 -6.58
N ARG C 56 7.47 5.66 -7.10
CA ARG C 56 6.31 5.94 -7.94
C ARG C 56 5.23 6.73 -7.24
N LYS C 57 5.13 6.54 -5.93
CA LYS C 57 4.16 7.24 -5.12
C LYS C 57 4.55 8.69 -4.93
N ASN C 58 5.83 9.00 -5.06
CA ASN C 58 6.29 10.36 -4.84
C ASN C 58 5.70 11.38 -5.79
N CYS C 59 5.53 11.03 -7.07
CA CYS C 59 4.93 11.98 -7.98
C CYS C 59 3.88 11.46 -8.94
N PRO C 60 2.62 11.63 -8.55
CA PRO C 60 1.41 11.24 -9.28
C PRO C 60 1.30 11.81 -10.70
N ALA C 61 1.71 13.07 -10.90
CA ALA C 61 1.69 13.71 -12.21
C ALA C 61 2.73 13.15 -13.19
N CYS C 62 3.92 12.81 -12.69
CA CYS C 62 4.96 12.24 -13.52
C CYS C 62 4.64 10.77 -13.83
N ARG C 63 3.99 10.09 -12.90
CA ARG C 63 3.61 8.69 -13.12
C ARG C 63 2.66 8.59 -14.28
N TYR C 64 1.69 9.49 -14.33
CA TYR C 64 0.66 9.52 -15.37
C TYR C 64 1.18 9.88 -16.74
N ARG C 65 2.04 10.88 -16.80
CA ARG C 65 2.63 11.34 -18.05
C ARG C 65 3.38 10.16 -18.64
N LYS C 66 4.09 9.42 -17.80
CA LYS C 66 4.83 8.25 -18.21
C LYS C 66 3.87 7.13 -18.67
N CYS C 67 2.65 7.10 -18.12
CA CYS C 67 1.63 6.12 -18.49
C CYS C 67 1.18 6.44 -19.93
N LEU C 68 0.97 7.74 -20.16
CA LEU C 68 0.58 8.24 -21.46
C LEU C 68 1.72 8.03 -22.48
N GLN C 69 2.91 8.51 -22.13
CA GLN C 69 4.11 8.35 -22.94
C GLN C 69 4.21 6.89 -23.32
N ALA C 70 4.05 6.00 -22.33
CA ALA C 70 4.12 4.58 -22.58
C ALA C 70 3.03 4.13 -23.56
N GLY C 71 2.01 4.98 -23.75
CA GLY C 71 0.94 4.65 -24.67
C GLY C 71 -0.11 3.72 -24.06
N MET C 72 -0.56 4.03 -22.85
CA MET C 72 -1.61 3.23 -22.21
C MET C 72 -2.91 3.89 -22.67
N ASN C 73 -3.93 3.11 -22.96
CA ASN C 73 -5.17 3.70 -23.41
C ASN C 73 -6.40 2.91 -22.98
N LEU C 74 -7.43 3.63 -22.56
CA LEU C 74 -8.67 3.00 -22.16
C LEU C 74 -9.39 2.58 -23.43
N GLU C 75 -9.51 3.52 -24.37
CA GLU C 75 -10.21 3.33 -25.65
C GLU C 75 -9.44 2.43 -26.63
N ALA D 4 7.63 7.47 17.82
CA ALA D 4 8.77 6.99 18.66
C ALA D 4 9.67 5.99 17.92
N ARG D 5 9.88 4.80 18.50
CA ARG D 5 10.72 3.78 17.89
C ARG D 5 10.02 2.76 16.98
N PRO D 6 10.19 1.43 17.17
CA PRO D 6 9.45 0.62 16.19
C PRO D 6 8.02 0.23 16.53
N CYS D 7 7.27 -0.13 15.50
CA CYS D 7 5.89 -0.51 15.66
C CYS D 7 5.87 -1.79 16.48
N LEU D 8 5.00 -1.79 17.47
CA LEU D 8 4.81 -2.92 18.35
C LEU D 8 4.24 -4.10 17.60
N VAL D 9 3.49 -3.83 16.54
CA VAL D 9 2.87 -4.88 15.76
C VAL D 9 3.70 -5.50 14.65
N CYS D 10 4.27 -4.68 13.77
CA CYS D 10 5.05 -5.14 12.63
C CYS D 10 6.51 -4.72 12.65
N SER D 11 6.86 -3.81 13.57
CA SER D 11 8.23 -3.30 13.73
C SER D 11 8.67 -2.24 12.71
N ASP D 12 7.73 -1.72 11.93
CA ASP D 12 7.99 -0.66 10.95
C ASP D 12 8.17 0.58 11.85
N GLU D 13 8.67 1.70 11.35
CA GLU D 13 8.83 2.85 12.23
C GLU D 13 7.48 3.30 12.72
N ALA D 14 7.35 3.44 14.03
CA ALA D 14 6.11 3.88 14.65
C ALA D 14 5.96 5.37 14.48
N SER D 15 4.73 5.84 14.29
CA SER D 15 4.46 7.27 14.15
C SER D 15 3.89 7.88 15.46
N GLY D 16 3.52 7.01 16.40
CA GLY D 16 2.96 7.47 17.66
C GLY D 16 2.23 6.39 18.43
N CYS D 17 1.50 6.82 19.43
CA CYS D 17 0.74 5.94 20.26
C CYS D 17 -0.67 6.08 19.72
N HIS D 18 -1.17 4.99 19.14
CA HIS D 18 -2.49 4.91 18.54
C HIS D 18 -3.27 3.80 19.19
N TYR D 19 -4.43 4.14 19.75
CA TYR D 19 -5.31 3.21 20.41
C TYR D 19 -4.62 2.51 21.56
N GLY D 20 -3.72 3.24 22.20
CA GLY D 20 -3.01 2.72 23.33
C GLY D 20 -1.66 2.12 23.03
N VAL D 21 -1.32 1.93 21.75
CA VAL D 21 -0.05 1.29 21.49
C VAL D 21 0.77 2.04 20.49
N LEU D 22 2.08 1.84 20.52
CA LEU D 22 3.00 2.48 19.58
C LEU D 22 2.97 1.70 18.26
N THR D 23 2.35 2.29 17.24
CA THR D 23 2.20 1.63 15.95
C THR D 23 2.51 2.55 14.77
N CYS D 24 2.68 1.95 13.59
CA CYS D 24 2.93 2.66 12.36
C CYS D 24 1.56 3.11 11.87
N GLU D 25 1.51 3.94 10.83
CA GLU D 25 0.21 4.39 10.33
C GLU D 25 -0.56 3.26 9.65
N GLY D 26 0.15 2.36 8.99
CA GLY D 26 -0.51 1.22 8.36
C GLY D 26 -1.22 0.35 9.40
N CYS D 27 -0.59 0.05 10.55
CA CYS D 27 -1.28 -0.79 11.55
C CYS D 27 -2.42 -0.08 12.23
N LYS D 28 -2.33 1.23 12.35
CA LYS D 28 -3.40 1.99 12.97
C LYS D 28 -4.67 1.88 12.12
N ALA D 29 -4.55 2.08 10.81
CA ALA D 29 -5.70 2.01 9.93
C ALA D 29 -6.19 0.59 9.84
N PHE D 30 -5.28 -0.36 9.92
CA PHE D 30 -5.64 -1.76 9.85
C PHE D 30 -6.49 -2.23 11.03
N PHE D 31 -6.09 -1.83 12.24
CA PHE D 31 -6.81 -2.21 13.46
C PHE D 31 -8.25 -1.69 13.41
N LYS D 32 -8.41 -0.41 13.12
CA LYS D 32 -9.71 0.24 13.02
C LYS D 32 -10.63 -0.57 12.07
N ARG D 33 -10.12 -0.95 10.91
CA ARG D 33 -10.90 -1.73 9.96
C ARG D 33 -11.15 -3.13 10.43
N ALA D 34 -10.22 -3.71 11.21
CA ALA D 34 -10.40 -5.07 11.67
C ALA D 34 -11.50 -5.16 12.68
N VAL D 35 -11.55 -4.22 13.62
CA VAL D 35 -12.63 -4.26 14.61
C VAL D 35 -14.01 -3.84 14.05
N GLU D 36 -14.05 -2.85 13.17
CA GLU D 36 -15.30 -2.34 12.64
C GLU D 36 -15.93 -2.99 11.40
N GLY D 37 -15.12 -3.50 10.50
CA GLY D 37 -15.69 -4.09 9.31
C GLY D 37 -16.13 -5.52 9.46
N GLN D 38 -16.85 -6.00 8.45
CA GLN D 38 -17.34 -7.36 8.44
C GLN D 38 -16.21 -8.23 7.87
N HIS D 39 -15.54 -8.97 8.74
CA HIS D 39 -14.45 -9.85 8.33
C HIS D 39 -14.73 -11.21 8.93
N ASN D 40 -13.89 -12.18 8.69
CA ASN D 40 -14.10 -13.50 9.22
C ASN D 40 -12.70 -14.08 9.16
N TYR D 41 -11.84 -13.54 10.02
CA TYR D 41 -10.43 -13.90 10.05
C TYR D 41 -10.12 -15.28 10.62
N LEU D 42 -9.29 -16.01 9.89
CA LEU D 42 -8.85 -17.32 10.28
C LEU D 42 -7.51 -17.51 9.59
N CYS D 43 -6.46 -17.79 10.35
CA CYS D 43 -5.14 -17.99 9.79
C CYS D 43 -5.16 -19.20 8.88
N LYS D 44 -4.78 -18.97 7.63
CA LYS D 44 -4.71 -20.02 6.63
C LYS D 44 -3.56 -20.95 6.97
N TYR D 45 -2.73 -20.60 7.94
CA TYR D 45 -1.59 -21.44 8.28
C TYR D 45 -1.74 -21.99 9.69
N GLU D 46 -0.73 -21.82 10.53
CA GLU D 46 -0.80 -22.33 11.89
C GLU D 46 -0.93 -21.28 12.96
N GLY D 47 -1.54 -20.15 12.58
CA GLY D 47 -1.76 -19.07 13.52
C GLY D 47 -0.53 -18.56 14.22
N LYS D 48 0.59 -18.58 13.53
CA LYS D 48 1.83 -18.09 14.13
C LYS D 48 2.72 -17.44 13.10
N CYS D 49 2.12 -16.66 12.22
CA CYS D 49 2.89 -16.00 11.19
C CYS D 49 3.73 -14.85 11.75
N ILE D 50 4.88 -14.68 11.11
CA ILE D 50 5.82 -13.62 11.43
C ILE D 50 5.28 -12.36 10.75
N ILE D 51 4.92 -11.38 11.57
CA ILE D 51 4.39 -10.13 11.10
C ILE D 51 5.44 -9.03 11.17
N ASP D 52 5.90 -8.59 10.01
CA ASP D 52 6.88 -7.53 9.90
C ASP D 52 6.55 -6.68 8.66
N LYS D 53 7.28 -5.60 8.42
CA LYS D 53 7.07 -4.73 7.27
C LYS D 53 6.77 -5.42 5.94
N ILE D 54 7.70 -6.23 5.44
CA ILE D 54 7.52 -6.93 4.17
C ILE D 54 6.49 -8.06 4.17
N ARG D 55 6.17 -8.60 5.34
CA ARG D 55 5.23 -9.73 5.42
C ARG D 55 3.89 -9.49 6.13
N ARG D 56 3.66 -8.32 6.69
CA ARG D 56 2.41 -8.10 7.40
C ARG D 56 1.16 -8.30 6.55
N LYS D 57 1.28 -8.16 5.23
CA LYS D 57 0.15 -8.34 4.30
C LYS D 57 -0.21 -9.83 4.05
N ASN D 58 0.75 -10.70 4.33
CA ASN D 58 0.60 -12.15 4.13
C ASN D 58 -0.44 -12.87 4.96
N CYS D 59 -0.79 -12.30 6.10
CA CYS D 59 -1.79 -12.89 6.98
C CYS D 59 -2.41 -11.86 7.92
N PRO D 60 -3.51 -11.23 7.49
CA PRO D 60 -4.20 -10.24 8.29
C PRO D 60 -4.83 -10.88 9.55
N ALA D 61 -4.98 -12.21 9.57
CA ALA D 61 -5.54 -12.90 10.72
C ALA D 61 -4.56 -12.78 11.89
N CYS D 62 -3.30 -13.19 11.70
CA CYS D 62 -2.32 -13.08 12.78
C CYS D 62 -1.95 -11.65 13.07
N ARG D 63 -2.04 -10.77 12.08
CA ARG D 63 -1.71 -9.34 12.29
C ARG D 63 -2.68 -8.74 13.31
N TYR D 64 -3.98 -8.97 13.11
CA TYR D 64 -5.02 -8.49 14.01
C TYR D 64 -4.83 -9.16 15.38
N ARG D 65 -4.47 -10.45 15.39
CA ARG D 65 -4.24 -11.11 16.65
C ARG D 65 -3.09 -10.38 17.36
N LYS D 66 -2.04 -10.00 16.64
CA LYS D 66 -0.93 -9.27 17.26
C LYS D 66 -1.40 -7.92 17.79
N CYS D 67 -2.27 -7.25 17.07
CA CYS D 67 -2.78 -5.97 17.52
C CYS D 67 -3.46 -6.11 18.88
N LEU D 68 -4.32 -7.11 19.02
CA LEU D 68 -5.05 -7.31 20.26
C LEU D 68 -4.07 -7.74 21.33
N GLN D 69 -3.22 -8.69 21.00
CA GLN D 69 -2.21 -9.19 21.91
C GLN D 69 -1.54 -7.97 22.52
N ALA D 70 -0.89 -7.14 21.69
CA ALA D 70 -0.17 -5.93 22.10
C ALA D 70 -1.02 -4.90 22.84
N GLY D 71 -2.28 -5.22 23.11
CA GLY D 71 -3.14 -4.32 23.85
C GLY D 71 -3.87 -3.22 23.11
N MET D 72 -3.77 -3.17 21.79
CA MET D 72 -4.50 -2.12 21.08
C MET D 72 -5.97 -2.25 21.39
N ASN D 73 -6.66 -1.11 21.46
CA ASN D 73 -8.08 -1.09 21.75
C ASN D 73 -8.71 0.23 21.34
N LEU D 74 -9.77 0.17 20.56
CA LEU D 74 -10.45 1.36 20.09
C LEU D 74 -10.86 2.31 21.20
N GLU D 75 -10.98 1.77 22.40
CA GLU D 75 -11.32 2.58 23.56
C GLU D 75 -10.05 3.07 24.26
N ALA D 76 -9.11 3.63 23.49
CA ALA D 76 -7.85 4.14 24.04
C ALA D 76 -7.22 5.23 23.14
N ARG D 77 -6.22 5.92 23.69
CA ARG D 77 -5.51 6.99 22.98
C ARG D 77 -4.16 6.43 22.53
#